data_8GT1
#
_entry.id   8GT1
#
_cell.length_a   57.135
_cell.length_b   90.925
_cell.length_c   114.730
_cell.angle_alpha   90.000
_cell.angle_beta   90.000
_cell.angle_gamma   90.000
#
_symmetry.space_group_name_H-M   'P 21 21 21'
#
loop_
_entity.id
_entity.type
_entity.pdbx_description
1 polymer 'Actin, alpha cardiac muscle 1'
2 polymer 'Actin-binding protein fragmin P'
3 non-polymer "ADENOSINE-5'-DIPHOSPHATE"
4 non-polymer "ADENOSINE-5'-TRIPHOSPHATE"
5 non-polymer 'PHOSPHATE ION'
6 non-polymer 'MAGNESIUM ION'
7 non-polymer 1,2-ETHANEDIOL
8 non-polymer 'CALCIUM ION'
9 water water
#
loop_
_entity_poly.entity_id
_entity_poly.type
_entity_poly.pdbx_seq_one_letter_code
_entity_poly.pdbx_strand_id
1 'polypeptide(L)'
;MGWSHPQFEKGGIEGRDDEETTALVCDNGSGLVKAGFAGDDAPRAVFPSIVGRPRHQGVMVGMGQKDSYVGDEAQSKRGI
LTLKYPIE(HIC)GIITNWDDMEKIWHHTFYNELRVAPEEHPTLLTEGPLNPKANREKMTQIMFETFNVPAMYVAIQAVL
SLYASGRTTGIVLDSGDGVTHNVPIYEGYALPHAIMRLDLAGRDLTDYLMKILTERGYSFVTTAEREIVRDIKEKLCYVA
LDFENEMATAASSSSLEKSYELPDGQVITIGNERFRCPETLFQPSFIGMESAGIHETTYNSIMKCDIDIRKDLYANNVLS
GGTTMYPGIADRMQKEITALAPSTMKIKIIAPPERKYSVWIGGSILASLSTFQQMWISKQEYDEAGPSIVHRKCF
;
A
2 'polypeptide(L)'
;GPMQKQKEYNIADSNIANLGTELEKKVKLEASQHEDAWKGAGKQVGVEIWRIQQFKVVPVPKKHHGSFYTGDSYIVLSTY
HPKTNPDKLAYDVHFWLGAFTTQDEAGTAAYKTVELDDYLGGLPVQYREVQGYESERFLSLFPKGGLRILDGGVETGFHH
VE
;
B
#
loop_
_chem_comp.id
_chem_comp.type
_chem_comp.name
_chem_comp.formula
ADP non-polymer ADENOSINE-5'-DIPHOSPHATE 'C10 H15 N5 O10 P2'
ATP non-polymer ADENOSINE-5'-TRIPHOSPHATE 'C10 H16 N5 O13 P3'
CA non-polymer 'CALCIUM ION' 'Ca 2'
EDO non-polymer 1,2-ETHANEDIOL 'C2 H6 O2'
MG non-polymer 'MAGNESIUM ION' 'Mg 2'
PO4 non-polymer 'PHOSPHATE ION' 'O4 P -3'
#
# COMPACT_ATOMS: atom_id res chain seq x y z
N THR A 21 2.78 -17.02 -18.89
CA THR A 21 1.99 -15.79 -18.80
C THR A 21 2.32 -15.01 -17.53
N THR A 22 2.99 -13.88 -17.70
CA THR A 22 3.34 -13.01 -16.59
C THR A 22 2.32 -11.88 -16.48
N ALA A 23 1.80 -11.69 -15.27
CA ALA A 23 0.92 -10.55 -15.02
C ALA A 23 1.72 -9.26 -14.92
N LEU A 24 1.09 -8.19 -15.37
CA LEU A 24 1.61 -6.84 -15.17
C LEU A 24 1.01 -6.28 -13.90
N VAL A 25 1.81 -5.50 -13.18
CA VAL A 25 1.33 -4.77 -12.01
C VAL A 25 1.57 -3.31 -12.29
N CYS A 26 0.50 -2.52 -12.28
CA CYS A 26 0.57 -1.08 -12.53
CA CYS A 26 0.57 -1.08 -12.54
C CYS A 26 -0.11 -0.36 -11.38
N ASP A 27 0.68 0.38 -10.61
CA ASP A 27 0.17 1.20 -9.51
C ASP A 27 0.11 2.63 -10.02
N ASN A 28 -1.09 3.07 -10.38
CA ASN A 28 -1.31 4.41 -10.93
C ASN A 28 -1.47 5.38 -9.77
N GLY A 29 -0.36 5.94 -9.36
CA GLY A 29 -0.44 7.03 -8.40
C GLY A 29 -0.95 8.31 -9.02
N SER A 30 -1.34 9.24 -8.16
CA SER A 30 -1.76 10.54 -8.69
C SER A 30 -0.58 11.25 -9.34
N GLY A 31 0.63 11.03 -8.82
CA GLY A 31 1.81 11.70 -9.33
C GLY A 31 2.75 10.83 -10.15
N LEU A 32 2.81 9.53 -9.85
CA LEU A 32 3.79 8.63 -10.45
C LEU A 32 3.14 7.33 -10.87
N VAL A 33 3.49 6.88 -12.06
CA VAL A 33 3.18 5.53 -12.51
C VAL A 33 4.28 4.62 -11.99
N LYS A 34 3.91 3.52 -11.35
CA LYS A 34 4.87 2.49 -11.02
C LYS A 34 4.39 1.21 -11.67
N ALA A 35 5.16 0.68 -12.61
CA ALA A 35 4.69 -0.47 -13.38
C ALA A 35 5.80 -1.48 -13.55
N GLY A 36 5.37 -2.73 -13.75
CA GLY A 36 6.32 -3.82 -13.88
C GLY A 36 5.59 -5.15 -13.94
N PHE A 37 6.32 -6.21 -13.59
CA PHE A 37 5.87 -7.58 -13.81
C PHE A 37 5.74 -8.28 -12.47
N ALA A 38 4.64 -9.01 -12.28
CA ALA A 38 4.46 -9.80 -11.07
C ALA A 38 5.65 -10.72 -10.87
N GLY A 39 6.11 -10.82 -9.63
CA GLY A 39 7.24 -11.64 -9.29
C GLY A 39 8.56 -10.89 -9.27
N ASP A 40 8.61 -9.69 -9.82
CA ASP A 40 9.78 -8.84 -9.64
C ASP A 40 9.71 -8.16 -8.28
N ASP A 41 10.90 -7.84 -7.74
CA ASP A 41 11.00 -7.23 -6.43
C ASP A 41 10.85 -5.72 -6.47
N ALA A 42 10.68 -5.12 -7.64
CA ALA A 42 10.54 -3.68 -7.77
C ALA A 42 9.91 -3.38 -9.12
N PRO A 43 9.26 -2.22 -9.25
CA PRO A 43 8.71 -1.84 -10.55
C PRO A 43 9.84 -1.48 -11.50
N ARG A 44 9.73 -1.95 -12.73
CA ARG A 44 10.74 -1.67 -13.72
C ARG A 44 10.54 -0.35 -14.43
N ALA A 45 9.35 0.25 -14.34
CA ALA A 45 9.10 1.57 -14.93
C ALA A 45 8.47 2.46 -13.88
N VAL A 46 9.12 3.58 -13.57
CA VAL A 46 8.61 4.57 -12.64
C VAL A 46 8.78 5.91 -13.30
N PHE A 47 7.67 6.62 -13.50
CA PHE A 47 7.79 7.88 -14.24
C PHE A 47 6.58 8.75 -13.90
N PRO A 48 6.71 10.06 -14.11
CA PRO A 48 5.62 10.98 -13.73
C PRO A 48 4.35 10.74 -14.53
N SER A 49 3.23 10.74 -13.80
CA SER A 49 1.91 10.58 -14.38
C SER A 49 1.42 11.92 -14.93
N ILE A 50 2.07 12.33 -16.03
CA ILE A 50 1.88 13.65 -16.62
C ILE A 50 1.81 13.56 -18.13
N VAL A 51 1.01 14.44 -18.72
CA VAL A 51 1.01 14.70 -20.16
C VAL A 51 1.35 16.18 -20.36
N GLY A 52 2.32 16.44 -21.22
CA GLY A 52 2.75 17.80 -21.53
C GLY A 52 2.37 18.17 -22.95
N ARG A 53 1.94 19.42 -23.12
CA ARG A 53 1.59 20.00 -24.40
CA ARG A 53 1.59 20.00 -24.40
C ARG A 53 2.30 21.33 -24.54
N PRO A 54 2.49 21.81 -25.78
CA PRO A 54 3.21 23.08 -25.96
C PRO A 54 2.63 24.19 -25.10
N ARG A 55 3.50 24.84 -24.34
CA ARG A 55 3.09 25.97 -23.53
C ARG A 55 2.59 27.14 -24.39
N HIS A 56 3.21 27.32 -25.56
CA HIS A 56 2.70 28.24 -26.58
C HIS A 56 1.60 27.54 -27.38
N GLN A 57 0.40 28.09 -27.31
CA GLN A 57 -0.72 27.57 -28.09
C GLN A 57 -0.80 28.31 -29.43
N ASP A 67 2.21 16.56 -30.69
CA ASP A 67 1.32 17.53 -30.05
C ASP A 67 1.24 17.33 -28.53
N SER A 68 1.76 16.21 -28.05
CA SER A 68 1.78 15.93 -26.61
C SER A 68 2.90 14.96 -26.31
N TYR A 69 3.44 15.06 -25.08
CA TYR A 69 4.48 14.17 -24.60
C TYR A 69 4.03 13.60 -23.26
N VAL A 70 4.53 12.41 -22.92
CA VAL A 70 4.09 11.69 -21.74
C VAL A 70 5.29 11.36 -20.85
N GLY A 71 5.13 11.51 -19.54
CA GLY A 71 6.05 10.87 -18.60
C GLY A 71 7.41 11.53 -18.55
N ASP A 72 8.46 10.71 -18.62
CA ASP A 72 9.83 11.20 -18.45
C ASP A 72 10.19 12.21 -19.52
N GLU A 73 9.72 12.00 -20.75
CA GLU A 73 10.06 12.90 -21.84
C GLU A 73 9.38 14.25 -21.68
N ALA A 74 8.13 14.25 -21.24
CA ALA A 74 7.47 15.52 -20.93
C ALA A 74 8.21 16.26 -19.83
N GLN A 75 8.64 15.54 -18.78
CA GLN A 75 9.42 16.16 -17.71
C GLN A 75 10.70 16.76 -18.27
N SER A 76 11.36 16.05 -19.18
CA SER A 76 12.61 16.54 -19.74
C SER A 76 12.39 17.83 -20.53
N LYS A 77 11.40 17.83 -21.41
CA LYS A 77 11.10 18.97 -22.26
C LYS A 77 10.19 19.99 -21.59
N ARG A 78 10.11 19.98 -20.26
CA ARG A 78 9.18 20.85 -19.56
C ARG A 78 9.50 22.32 -19.78
N GLY A 79 10.67 22.64 -20.33
CA GLY A 79 11.00 24.02 -20.61
C GLY A 79 10.03 24.67 -21.59
N ILE A 80 9.44 23.89 -22.48
CA ILE A 80 8.54 24.39 -23.52
C ILE A 80 7.14 23.81 -23.41
N LEU A 81 6.84 23.06 -22.34
CA LEU A 81 5.55 22.40 -22.18
C LEU A 81 4.80 22.89 -20.95
N THR A 82 3.48 22.80 -21.02
CA THR A 82 2.62 22.90 -19.85
C THR A 82 2.20 21.49 -19.46
N LEU A 83 2.42 21.16 -18.20
CA LEU A 83 2.25 19.80 -17.70
C LEU A 83 0.93 19.64 -16.99
N LYS A 84 0.23 18.54 -17.28
CA LYS A 84 -1.05 18.26 -16.65
C LYS A 84 -1.05 16.83 -16.11
N TYR A 85 -1.64 16.66 -14.92
CA TYR A 85 -1.80 15.38 -14.26
C TYR A 85 -3.20 14.86 -14.53
N PRO A 86 -3.37 13.72 -15.22
CA PRO A 86 -4.73 13.20 -15.44
C PRO A 86 -5.42 12.70 -14.18
N ILE A 87 -4.68 12.46 -13.09
CA ILE A 87 -5.25 12.01 -11.82
C ILE A 87 -5.11 13.13 -10.82
N GLU A 88 -6.21 13.46 -10.15
CA GLU A 88 -6.20 14.43 -9.07
C GLU A 88 -6.85 13.79 -7.85
N HIC A 89 -6.16 13.83 -6.71
CA HIC A 89 -6.67 13.27 -5.49
C HIC A 89 -7.20 11.84 -5.70
O HIC A 89 -8.27 11.42 -5.27
CB HIC A 89 -7.77 14.13 -4.83
CG HIC A 89 -7.23 15.46 -4.42
ND1 HIC A 89 -6.07 15.63 -3.64
CD2 HIC A 89 -7.76 16.73 -4.72
CE1 HIC A 89 -5.89 16.95 -3.46
NE2 HIC A 89 -6.90 17.66 -4.12
CZ HIC A 89 -7.04 19.08 -4.15
N GLY A 90 -6.38 11.07 -6.42
CA GLY A 90 -6.64 9.66 -6.63
C GLY A 90 -7.74 9.28 -7.62
N ILE A 91 -8.36 10.28 -8.24
CA ILE A 91 -9.47 10.07 -9.16
C ILE A 91 -9.02 10.52 -10.54
N ILE A 92 -9.34 9.73 -11.56
CA ILE A 92 -8.99 10.11 -12.93
C ILE A 92 -9.95 11.20 -13.40
N THR A 93 -9.41 12.36 -13.74
CA THR A 93 -10.23 13.49 -14.14
C THR A 93 -10.06 13.86 -15.61
N ASN A 94 -9.09 13.26 -16.30
CA ASN A 94 -8.92 13.46 -17.74
C ASN A 94 -8.69 12.08 -18.34
N TRP A 95 -9.77 11.49 -18.88
CA TRP A 95 -9.71 10.12 -19.32
C TRP A 95 -8.93 9.97 -20.61
N ASP A 96 -9.02 10.96 -21.51
CA ASP A 96 -8.21 10.92 -22.72
C ASP A 96 -6.72 10.91 -22.38
N ASP A 97 -6.31 11.76 -21.44
CA ASP A 97 -4.89 11.79 -21.06
C ASP A 97 -4.50 10.54 -20.28
N MET A 98 -5.41 9.99 -19.47
CA MET A 98 -5.09 8.78 -18.75
C MET A 98 -4.86 7.62 -19.72
N GLU A 99 -5.66 7.57 -20.79
CA GLU A 99 -5.41 6.55 -21.80
C GLU A 99 -4.02 6.71 -22.40
N LYS A 100 -3.57 7.96 -22.62
CA LYS A 100 -2.20 8.19 -23.08
C LYS A 100 -1.18 7.64 -22.09
N ILE A 101 -1.42 7.84 -20.80
CA ILE A 101 -0.51 7.33 -19.77
C ILE A 101 -0.43 5.81 -19.85
N TRP A 102 -1.58 5.14 -19.90
CA TRP A 102 -1.60 3.69 -19.97
C TRP A 102 -0.93 3.20 -21.25
N HIS A 103 -1.28 3.81 -22.39
CA HIS A 103 -0.66 3.42 -23.65
C HIS A 103 0.86 3.56 -23.58
N HIS A 104 1.33 4.67 -23.01
CA HIS A 104 2.77 4.87 -22.87
C HIS A 104 3.40 3.81 -21.97
N THR A 105 2.76 3.51 -20.83
CA THR A 105 3.23 2.46 -19.91
C THR A 105 3.44 1.13 -20.62
N PHE A 106 2.43 0.72 -21.40
CA PHE A 106 2.51 -0.58 -22.05
C PHE A 106 3.51 -0.58 -23.21
N TYR A 107 3.33 0.33 -24.15
CA TYR A 107 4.05 0.25 -25.42
C TYR A 107 5.40 0.93 -25.40
N ASN A 108 5.57 2.00 -24.64
CA ASN A 108 6.83 2.73 -24.68
C ASN A 108 7.77 2.41 -23.52
N GLU A 109 7.23 2.16 -22.33
CA GLU A 109 8.08 1.87 -21.17
C GLU A 109 8.30 0.37 -21.09
N LEU A 110 7.27 -0.38 -20.69
CA LEU A 110 7.42 -1.82 -20.52
C LEU A 110 7.64 -2.55 -21.84
N ARG A 111 7.15 -1.98 -22.95
CA ARG A 111 7.35 -2.55 -24.28
C ARG A 111 6.72 -3.95 -24.38
N VAL A 112 5.47 -4.04 -23.93
CA VAL A 112 4.70 -5.28 -23.94
C VAL A 112 3.42 -5.05 -24.74
N ALA A 113 2.83 -6.15 -25.20
CA ALA A 113 1.54 -6.11 -25.86
C ALA A 113 0.49 -6.39 -24.80
N PRO A 114 -0.35 -5.42 -24.43
CA PRO A 114 -1.24 -5.61 -23.26
C PRO A 114 -2.19 -6.77 -23.43
N GLU A 115 -2.57 -7.12 -24.66
CA GLU A 115 -3.46 -8.24 -24.86
C GLU A 115 -2.86 -9.58 -24.45
N GLU A 116 -1.55 -9.63 -24.17
CA GLU A 116 -0.87 -10.84 -23.74
C GLU A 116 -0.72 -10.92 -22.23
N HIS A 117 -1.16 -9.91 -21.47
CA HIS A 117 -0.82 -9.86 -20.05
C HIS A 117 -2.01 -9.56 -19.15
N PRO A 118 -2.38 -10.47 -18.27
CA PRO A 118 -3.31 -10.12 -17.19
C PRO A 118 -2.72 -8.93 -16.43
N THR A 119 -3.56 -7.98 -16.07
CA THR A 119 -3.09 -6.72 -15.51
C THR A 119 -3.74 -6.40 -14.17
N LEU A 120 -2.92 -6.15 -13.16
CA LEU A 120 -3.38 -5.67 -11.86
C LEU A 120 -3.21 -4.17 -11.81
N LEU A 121 -4.31 -3.46 -11.58
CA LEU A 121 -4.31 -2.03 -11.31
C LEU A 121 -4.60 -1.79 -9.83
N THR A 122 -4.42 -0.53 -9.40
CA THR A 122 -4.64 -0.17 -8.00
C THR A 122 -5.51 1.08 -7.89
N GLU A 123 -6.03 1.29 -6.69
CA GLU A 123 -6.90 2.43 -6.45
C GLU A 123 -6.95 2.69 -4.95
N GLY A 124 -7.16 3.95 -4.59
CA GLY A 124 -7.38 4.30 -3.21
C GLY A 124 -8.84 4.05 -2.83
N PRO A 125 -9.09 3.81 -1.54
CA PRO A 125 -10.47 3.59 -1.12
C PRO A 125 -11.28 4.89 -1.08
N LEU A 126 -12.60 4.71 -1.10
CA LEU A 126 -13.59 5.78 -1.07
C LEU A 126 -13.63 6.59 -2.35
N ASN A 127 -13.06 6.07 -3.42
CA ASN A 127 -13.24 6.66 -4.74
C ASN A 127 -14.66 6.40 -5.24
N PRO A 128 -15.21 7.30 -6.05
CA PRO A 128 -16.51 7.03 -6.67
C PRO A 128 -16.44 5.78 -7.52
N LYS A 129 -17.56 5.04 -7.55
CA LYS A 129 -17.59 3.73 -8.21
C LYS A 129 -17.27 3.83 -9.69
N ALA A 130 -17.61 4.95 -10.33
CA ALA A 130 -17.41 5.06 -11.77
C ALA A 130 -15.95 5.08 -12.14
N ASN A 131 -15.05 5.42 -11.21
CA ASN A 131 -13.63 5.45 -11.54
C ASN A 131 -13.15 4.06 -11.94
N ARG A 132 -13.44 3.04 -11.12
CA ARG A 132 -13.01 1.70 -11.49
C ARG A 132 -13.85 1.08 -12.60
N GLU A 133 -15.11 1.52 -12.76
CA GLU A 133 -15.89 1.08 -13.91
C GLU A 133 -15.22 1.48 -15.21
N LYS A 134 -14.76 2.73 -15.27
CA LYS A 134 -14.12 3.21 -16.50
C LYS A 134 -12.71 2.64 -16.66
N MET A 135 -11.97 2.43 -15.57
CA MET A 135 -10.70 1.69 -15.67
CA MET A 135 -10.71 1.71 -15.71
C MET A 135 -10.92 0.34 -16.32
N THR A 136 -11.94 -0.39 -15.84
CA THR A 136 -12.23 -1.72 -16.37
C THR A 136 -12.62 -1.64 -17.84
N GLN A 137 -13.50 -0.70 -18.19
CA GLN A 137 -13.92 -0.56 -19.57
C GLN A 137 -12.73 -0.28 -20.49
N ILE A 138 -11.85 0.64 -20.08
CA ILE A 138 -10.72 0.97 -20.95
C ILE A 138 -9.73 -0.18 -21.08
N MET A 139 -9.41 -0.85 -19.97
CA MET A 139 -8.49 -1.99 -20.06
C MET A 139 -8.99 -3.06 -21.02
N PHE A 140 -10.29 -3.37 -20.98
CA PHE A 140 -10.78 -4.43 -21.85
C PHE A 140 -11.07 -3.92 -23.27
N GLU A 141 -11.74 -2.78 -23.39
CA GLU A 141 -12.24 -2.35 -24.69
C GLU A 141 -11.16 -1.66 -25.52
N THR A 142 -10.23 -0.96 -24.87
CA THR A 142 -9.14 -0.28 -25.58
C THR A 142 -7.87 -1.12 -25.62
N PHE A 143 -7.45 -1.66 -24.48
CA PHE A 143 -6.18 -2.38 -24.43
C PHE A 143 -6.32 -3.89 -24.59
N ASN A 144 -7.56 -4.42 -24.54
CA ASN A 144 -7.81 -5.85 -24.80
CA ASN A 144 -7.82 -5.84 -24.78
C ASN A 144 -7.02 -6.76 -23.86
N VAL A 145 -6.87 -6.37 -22.60
CA VAL A 145 -6.17 -7.24 -21.66
C VAL A 145 -6.98 -8.53 -21.52
N PRO A 146 -6.33 -9.67 -21.28
CA PRO A 146 -7.08 -10.92 -21.12
C PRO A 146 -7.79 -11.06 -19.79
N ALA A 147 -7.30 -10.36 -18.76
CA ALA A 147 -7.89 -10.40 -17.43
C ALA A 147 -7.35 -9.22 -16.68
N MET A 148 -8.07 -8.80 -15.62
CA MET A 148 -7.59 -7.70 -14.82
CA MET A 148 -7.58 -7.70 -14.81
C MET A 148 -8.30 -7.71 -13.47
N TYR A 149 -7.73 -6.94 -12.54
CA TYR A 149 -8.23 -6.77 -11.18
C TYR A 149 -7.82 -5.37 -10.75
N VAL A 150 -8.65 -4.75 -9.91
CA VAL A 150 -8.31 -3.45 -9.32
C VAL A 150 -8.25 -3.67 -7.81
N ALA A 151 -7.06 -3.48 -7.23
CA ALA A 151 -6.82 -3.72 -5.82
C ALA A 151 -6.76 -2.41 -5.03
N ILE A 152 -7.14 -2.47 -3.76
CA ILE A 152 -7.03 -1.32 -2.88
CA ILE A 152 -7.03 -1.32 -2.88
C ILE A 152 -5.59 -1.14 -2.44
N GLN A 153 -5.05 0.07 -2.66
CA GLN A 153 -3.62 0.33 -2.44
C GLN A 153 -3.17 -0.06 -1.03
N ALA A 154 -3.88 0.41 -0.01
CA ALA A 154 -3.40 0.20 1.35
C ALA A 154 -3.37 -1.27 1.72
N VAL A 155 -4.28 -2.06 1.16
CA VAL A 155 -4.29 -3.49 1.46
C VAL A 155 -3.03 -4.15 0.91
N LEU A 156 -2.63 -3.77 -0.31
CA LEU A 156 -1.39 -4.29 -0.86
C LEU A 156 -0.21 -3.94 0.05
N SER A 157 -0.18 -2.72 0.58
CA SER A 157 0.95 -2.34 1.44
C SER A 157 0.98 -3.16 2.70
N LEU A 158 -0.18 -3.45 3.28
CA LEU A 158 -0.18 -4.26 4.48
C LEU A 158 0.43 -5.63 4.22
N TYR A 159 0.01 -6.28 3.13
CA TYR A 159 0.58 -7.59 2.80
C TYR A 159 2.07 -7.47 2.51
N ALA A 160 2.49 -6.38 1.85
CA ALA A 160 3.91 -6.18 1.60
C ALA A 160 4.71 -6.15 2.89
N SER A 161 4.10 -5.70 3.99
CA SER A 161 4.76 -5.64 5.28
C SER A 161 4.68 -6.96 6.03
N GLY A 162 4.06 -7.99 5.46
CA GLY A 162 3.99 -9.27 6.13
C GLY A 162 2.97 -9.32 7.25
N ARG A 163 1.85 -8.59 7.11
CA ARG A 163 0.82 -8.52 8.13
C ARG A 163 -0.55 -8.82 7.53
N THR A 164 -1.43 -9.30 8.40
CA THR A 164 -2.86 -9.37 8.10
C THR A 164 -3.69 -8.40 8.93
N THR A 165 -3.09 -7.82 9.97
CA THR A 165 -3.77 -6.86 10.85
C THR A 165 -2.87 -5.65 11.04
N GLY A 166 -3.46 -4.47 10.86
CA GLY A 166 -2.74 -3.24 11.08
C GLY A 166 -3.56 -2.10 10.53
N ILE A 167 -3.06 -0.88 10.73
CA ILE A 167 -3.70 0.28 10.13
C ILE A 167 -2.69 0.98 9.25
N VAL A 168 -3.01 1.10 7.98
CA VAL A 168 -2.10 1.68 7.01
C VAL A 168 -2.40 3.16 6.88
N LEU A 169 -1.35 3.98 6.91
CA LEU A 169 -1.42 5.38 6.51
CA LEU A 169 -1.46 5.38 6.51
C LEU A 169 -0.73 5.44 5.16
N ASP A 170 -1.52 5.61 4.09
CA ASP A 170 -1.00 5.63 2.73
CA ASP A 170 -1.00 5.62 2.73
C ASP A 170 -1.13 7.05 2.21
N SER A 171 0.00 7.67 1.89
CA SER A 171 0.01 9.05 1.44
C SER A 171 0.93 9.18 0.24
N GLY A 172 0.34 9.47 -0.91
CA GLY A 172 1.12 9.65 -2.11
C GLY A 172 1.13 11.10 -2.56
N ASP A 173 0.92 11.33 -3.86
CA ASP A 173 0.82 12.68 -4.37
C ASP A 173 -0.59 13.25 -4.25
N GLY A 174 -1.59 12.38 -4.12
CA GLY A 174 -2.98 12.79 -4.27
C GLY A 174 -3.82 12.70 -3.02
N VAL A 175 -3.67 11.62 -2.26
CA VAL A 175 -4.58 11.31 -1.16
C VAL A 175 -3.79 10.77 0.02
N THR A 176 -4.27 11.08 1.22
CA THR A 176 -3.83 10.40 2.45
C THR A 176 -5.01 9.54 2.95
N HIS A 177 -4.79 8.24 2.98
CA HIS A 177 -5.84 7.30 3.44
C HIS A 177 -5.43 6.64 4.74
N ASN A 178 -6.42 6.39 5.60
CA ASN A 178 -6.25 5.60 6.84
C ASN A 178 -7.09 4.34 6.66
N VAL A 179 -6.44 3.17 6.59
CA VAL A 179 -7.15 1.93 6.31
C VAL A 179 -6.86 0.90 7.38
N PRO A 180 -7.76 0.69 8.33
CA PRO A 180 -7.58 -0.39 9.32
C PRO A 180 -8.03 -1.71 8.73
N ILE A 181 -7.25 -2.75 8.98
CA ILE A 181 -7.45 -4.07 8.40
C ILE A 181 -7.28 -5.07 9.52
N TYR A 182 -8.22 -6.01 9.63
CA TYR A 182 -8.19 -7.04 10.66
C TYR A 182 -8.31 -8.40 10.00
N GLU A 183 -7.30 -9.25 10.21
CA GLU A 183 -7.31 -10.62 9.70
C GLU A 183 -7.58 -10.63 8.20
N GLY A 184 -6.98 -9.68 7.50
CA GLY A 184 -7.04 -9.61 6.06
C GLY A 184 -8.24 -8.90 5.47
N TYR A 185 -9.12 -8.33 6.28
CA TYR A 185 -10.31 -7.65 5.79
C TYR A 185 -10.27 -6.18 6.22
N ALA A 186 -10.28 -5.28 5.24
CA ALA A 186 -10.38 -3.87 5.54
C ALA A 186 -11.74 -3.59 6.16
N LEU A 187 -11.77 -2.64 7.10
CA LEU A 187 -12.96 -2.36 7.88
C LEU A 187 -13.60 -1.11 7.30
N PRO A 188 -14.57 -1.24 6.40
CA PRO A 188 -15.01 -0.06 5.62
C PRO A 188 -15.53 1.09 6.45
N HIS A 189 -16.21 0.82 7.57
CA HIS A 189 -16.79 1.90 8.35
C HIS A 189 -15.73 2.77 9.01
N ALA A 190 -14.50 2.28 9.11
CA ALA A 190 -13.42 2.97 9.78
C ALA A 190 -12.40 3.55 8.80
N ILE A 191 -12.55 3.30 7.51
CA ILE A 191 -11.63 3.86 6.52
C ILE A 191 -11.84 5.36 6.47
N MET A 192 -10.74 6.11 6.45
CA MET A 192 -10.82 7.56 6.33
C MET A 192 -9.92 8.08 5.24
N ARG A 193 -10.27 9.26 4.75
CA ARG A 193 -9.64 9.80 3.56
C ARG A 193 -9.50 11.31 3.74
N LEU A 194 -8.33 11.83 3.36
CA LEU A 194 -8.05 13.25 3.39
C LEU A 194 -7.44 13.59 2.04
N ASP A 195 -8.09 14.49 1.29
CA ASP A 195 -7.61 14.87 -0.02
C ASP A 195 -6.54 15.96 0.14
N LEU A 196 -5.49 15.57 0.87
CA LEU A 196 -4.33 16.41 1.12
C LEU A 196 -3.14 15.47 1.11
N ALA A 197 -2.22 15.68 0.16
CA ALA A 197 -1.05 14.82 0.09
C ALA A 197 0.07 15.58 -0.62
N GLY A 198 0.93 14.85 -1.32
CA GLY A 198 2.18 15.43 -1.76
C GLY A 198 2.00 16.65 -2.65
N ARG A 199 1.01 16.62 -3.54
CA ARG A 199 0.86 17.73 -4.50
C ARG A 199 0.46 19.01 -3.77
N ASP A 200 -0.39 18.88 -2.76
CA ASP A 200 -0.78 20.02 -1.94
C ASP A 200 0.41 20.55 -1.15
N LEU A 201 1.26 19.65 -0.66
CA LEU A 201 2.48 20.06 0.02
C LEU A 201 3.42 20.80 -0.92
N THR A 202 3.58 20.29 -2.15
CA THR A 202 4.39 21.00 -3.15
C THR A 202 3.84 22.39 -3.40
N ASP A 203 2.52 22.50 -3.61
CA ASP A 203 1.92 23.80 -3.89
C ASP A 203 2.14 24.75 -2.72
N TYR A 204 2.07 24.24 -1.50
CA TYR A 204 2.25 25.09 -0.33
C TYR A 204 3.69 25.56 -0.23
N LEU A 205 4.65 24.68 -0.50
CA LEU A 205 6.05 25.11 -0.56
C LEU A 205 6.24 26.18 -1.63
N MET A 206 5.64 26.01 -2.81
CA MET A 206 5.71 27.08 -3.82
C MET A 206 5.23 28.40 -3.24
N LYS A 207 4.14 28.38 -2.49
CA LYS A 207 3.56 29.62 -1.98
C LYS A 207 4.47 30.25 -0.94
N ILE A 208 4.90 29.47 0.07
CA ILE A 208 5.70 30.05 1.13
C ILE A 208 7.08 30.46 0.64
N LEU A 209 7.60 29.85 -0.43
CA LEU A 209 8.87 30.29 -0.98
C LEU A 209 8.81 31.71 -1.53
N THR A 210 7.61 32.21 -1.85
CA THR A 210 7.50 33.61 -2.25
C THR A 210 7.80 34.58 -1.11
N GLU A 211 7.70 34.16 0.15
CA GLU A 211 8.07 35.02 1.26
C GLU A 211 9.53 35.42 1.22
N ARG A 212 10.38 34.52 0.73
CA ARG A 212 11.81 34.80 0.56
C ARG A 212 12.10 35.53 -0.74
N GLY A 213 11.07 35.92 -1.48
CA GLY A 213 11.27 36.61 -2.73
C GLY A 213 11.48 35.72 -3.92
N TYR A 214 11.27 34.41 -3.79
CA TYR A 214 11.35 33.52 -4.93
C TYR A 214 9.98 33.41 -5.59
N SER A 215 9.97 33.16 -6.89
CA SER A 215 8.72 33.06 -7.64
C SER A 215 8.68 31.70 -8.33
N PHE A 216 7.91 30.78 -7.77
CA PHE A 216 7.62 29.50 -8.40
C PHE A 216 6.12 29.45 -8.65
N VAL A 217 5.73 29.43 -9.92
CA VAL A 217 4.33 29.62 -10.29
C VAL A 217 3.87 28.60 -11.32
N THR A 218 4.67 28.41 -12.37
CA THR A 218 4.26 27.62 -13.53
C THR A 218 4.29 26.12 -13.23
N THR A 219 3.72 25.34 -14.15
CA THR A 219 3.71 23.89 -13.96
C THR A 219 5.12 23.33 -14.00
N ALA A 220 6.00 23.91 -14.81
CA ALA A 220 7.41 23.51 -14.80
C ALA A 220 8.05 23.83 -13.46
N GLU A 221 7.77 25.02 -12.92
CA GLU A 221 8.31 25.40 -11.62
C GLU A 221 7.75 24.53 -10.49
N ARG A 222 6.52 24.03 -10.63
CA ARG A 222 5.98 23.14 -9.60
CA ARG A 222 5.97 23.12 -9.63
C ARG A 222 6.85 21.89 -9.48
N GLU A 223 7.36 21.38 -10.60
CA GLU A 223 8.22 20.19 -10.56
C GLU A 223 9.55 20.48 -9.90
N ILE A 224 10.11 21.68 -10.11
CA ILE A 224 11.33 22.06 -9.40
C ILE A 224 11.08 22.08 -7.90
N VAL A 225 9.99 22.72 -7.48
CA VAL A 225 9.71 22.81 -6.04
C VAL A 225 9.44 21.43 -5.47
N ARG A 226 8.79 20.56 -6.25
CA ARG A 226 8.61 19.18 -5.79
C ARG A 226 9.96 18.53 -5.48
N ASP A 227 10.95 18.74 -6.35
CA ASP A 227 12.28 18.21 -6.10
C ASP A 227 12.89 18.83 -4.84
N ILE A 228 12.75 20.15 -4.66
CA ILE A 228 13.24 20.79 -3.44
C ILE A 228 12.60 20.14 -2.21
N LYS A 229 11.28 19.96 -2.26
CA LYS A 229 10.55 19.35 -1.16
C LYS A 229 11.11 17.98 -0.81
N GLU A 230 11.28 17.13 -1.82
CA GLU A 230 11.73 15.76 -1.60
C GLU A 230 13.16 15.73 -1.04
N LYS A 231 13.99 16.67 -1.44
CA LYS A 231 15.40 16.66 -1.05
CA LYS A 231 15.39 16.64 -1.03
C LYS A 231 15.64 17.29 0.31
N LEU A 232 14.88 18.34 0.67
CA LEU A 232 15.27 19.16 1.81
C LEU A 232 14.26 19.23 2.94
N CYS A 233 13.02 18.79 2.73
CA CYS A 233 11.99 18.96 3.75
C CYS A 233 12.10 17.88 4.82
N TYR A 234 11.57 18.17 6.00
CA TYR A 234 11.55 17.22 7.11
C TYR A 234 10.44 17.61 8.07
N VAL A 235 10.00 16.66 8.88
CA VAL A 235 8.97 16.92 9.88
C VAL A 235 9.65 17.22 11.21
N ALA A 236 9.36 18.39 11.78
CA ALA A 236 9.93 18.77 13.06
C ALA A 236 9.26 17.97 14.18
N LEU A 237 10.05 17.61 15.19
CA LEU A 237 9.45 16.89 16.32
C LEU A 237 8.58 17.81 17.15
N ASP A 238 9.01 19.05 17.32
CA ASP A 238 8.25 20.09 18.00
C ASP A 238 8.27 21.32 17.11
N PHE A 239 7.14 21.61 16.48
CA PHE A 239 7.09 22.65 15.45
C PHE A 239 7.46 24.02 16.00
N GLU A 240 6.85 24.43 17.11
CA GLU A 240 7.14 25.76 17.65
C GLU A 240 8.60 25.88 18.08
N ASN A 241 9.16 24.85 18.73
CA ASN A 241 10.59 24.89 19.03
C ASN A 241 11.43 25.04 17.77
N GLU A 242 11.06 24.33 16.71
CA GLU A 242 11.84 24.39 15.49
C GLU A 242 11.76 25.77 14.86
N MET A 243 10.58 26.40 14.91
CA MET A 243 10.49 27.77 14.40
C MET A 243 11.42 28.70 15.16
N ALA A 244 11.53 28.50 16.48
CA ALA A 244 12.45 29.33 17.28
C ALA A 244 13.90 29.08 16.89
N THR A 245 14.29 27.81 16.70
CA THR A 245 15.63 27.48 16.25
C THR A 245 15.94 28.16 14.92
N ALA A 246 14.96 28.17 13.99
CA ALA A 246 15.19 28.72 12.67
C ALA A 246 15.41 30.23 12.71
N ALA A 247 14.85 30.90 13.71
CA ALA A 247 15.02 32.35 13.87
C ALA A 247 16.26 32.70 14.66
N SER A 248 16.79 31.77 15.45
N SER A 248 16.80 31.77 15.46
CA SER A 248 17.94 32.06 16.31
CA SER A 248 17.93 32.10 16.31
C SER A 248 19.24 32.08 15.54
C SER A 248 19.26 32.07 15.56
N SER A 249 19.37 31.26 14.51
CA SER A 249 20.58 31.21 13.70
C SER A 249 20.23 30.55 12.38
N SER A 250 21.23 30.41 11.52
CA SER A 250 21.05 29.78 10.22
C SER A 250 21.30 28.28 10.23
N SER A 251 21.29 27.66 11.41
CA SER A 251 21.70 26.25 11.55
C SER A 251 20.83 25.29 10.76
N LEU A 252 19.58 25.64 10.47
CA LEU A 252 18.68 24.75 9.73
C LEU A 252 18.61 25.07 8.25
N GLU A 253 19.37 26.04 7.77
CA GLU A 253 19.24 26.45 6.38
C GLU A 253 19.96 25.48 5.45
N LYS A 254 19.44 25.37 4.22
CA LYS A 254 20.02 24.54 3.18
C LYS A 254 19.95 25.30 1.87
N SER A 255 20.92 25.04 1.00
CA SER A 255 20.98 25.67 -0.31
C SER A 255 20.58 24.67 -1.38
N TYR A 256 20.08 25.20 -2.49
CA TYR A 256 19.60 24.35 -3.57
C TYR A 256 19.85 25.05 -4.89
N GLU A 257 20.46 24.33 -5.84
CA GLU A 257 20.80 24.89 -7.14
C GLU A 257 19.66 24.62 -8.12
N LEU A 258 19.09 25.69 -8.66
CA LEU A 258 18.00 25.58 -9.62
C LEU A 258 18.53 25.18 -10.99
N PRO A 259 17.67 24.69 -11.89
CA PRO A 259 18.17 24.24 -13.20
C PRO A 259 18.84 25.33 -14.02
N ASP A 260 18.48 26.59 -13.80
CA ASP A 260 19.13 27.71 -14.46
C ASP A 260 20.45 28.13 -13.82
N GLY A 261 20.84 27.45 -12.75
CA GLY A 261 22.11 27.73 -12.07
C GLY A 261 22.01 28.57 -10.81
N GLN A 262 20.90 29.29 -10.65
CA GLN A 262 20.73 30.16 -9.46
C GLN A 262 20.73 29.28 -8.20
N VAL A 263 21.34 29.76 -7.14
CA VAL A 263 21.34 28.99 -5.86
C VAL A 263 20.46 29.71 -4.86
N ILE A 264 19.42 29.02 -4.40
CA ILE A 264 18.52 29.60 -3.41
C ILE A 264 18.84 29.01 -2.05
N THR A 265 18.34 29.67 -1.00
CA THR A 265 18.48 29.20 0.37
C THR A 265 17.10 29.05 0.97
N ILE A 266 16.89 27.95 1.68
CA ILE A 266 15.62 27.75 2.37
C ILE A 266 15.88 27.41 3.83
N GLY A 267 14.99 27.87 4.69
CA GLY A 267 15.15 27.70 6.11
C GLY A 267 13.95 27.01 6.71
N ASN A 268 13.11 27.76 7.43
CA ASN A 268 11.98 27.09 8.09
C ASN A 268 10.97 26.51 7.12
N GLU A 269 11.03 26.85 5.83
CA GLU A 269 10.15 26.20 4.88
C GLU A 269 10.41 24.70 4.83
N ARG A 270 11.61 24.27 5.21
CA ARG A 270 11.94 22.85 5.20
C ARG A 270 10.93 22.04 6.01
N PHE A 271 10.52 22.57 7.16
CA PHE A 271 9.59 21.86 8.02
C PHE A 271 8.19 22.45 8.07
N ARG A 272 8.01 23.72 7.71
CA ARG A 272 6.67 24.26 7.60
C ARG A 272 5.87 23.57 6.51
N CYS A 273 6.53 23.18 5.42
CA CYS A 273 5.84 22.48 4.34
C CYS A 273 5.14 21.20 4.83
N PRO A 274 5.85 20.19 5.35
CA PRO A 274 5.16 18.98 5.80
C PRO A 274 4.41 19.14 7.11
N GLU A 275 4.63 20.22 7.86
CA GLU A 275 3.79 20.50 9.04
C GLU A 275 2.31 20.50 8.65
N THR A 276 2.00 20.89 7.42
CA THR A 276 0.64 20.90 6.90
C THR A 276 -0.08 19.56 7.09
N LEU A 277 0.65 18.45 7.02
CA LEU A 277 0.04 17.15 7.27
C LEU A 277 -0.53 17.07 8.68
N PHE A 278 0.11 17.73 9.64
CA PHE A 278 -0.36 17.72 11.01
C PHE A 278 -1.27 18.91 11.30
N GLN A 279 -1.12 19.99 10.54
CA GLN A 279 -1.98 21.17 10.66
C GLN A 279 -2.52 21.54 9.29
N PRO A 280 -3.59 20.87 8.85
CA PRO A 280 -4.14 21.18 7.51
C PRO A 280 -4.61 22.63 7.35
N SER A 281 -4.81 23.35 8.45
CA SER A 281 -5.16 24.76 8.34
C SER A 281 -4.07 25.58 7.66
N PHE A 282 -2.84 25.05 7.56
CA PHE A 282 -1.80 25.77 6.84
C PHE A 282 -2.22 26.05 5.40
N ILE A 283 -3.02 25.16 4.81
CA ILE A 283 -3.54 25.39 3.46
C ILE A 283 -5.04 25.69 3.48
N GLY A 284 -5.57 26.09 4.64
CA GLY A 284 -6.96 26.49 4.70
C GLY A 284 -7.96 25.37 4.86
N MET A 285 -7.51 24.17 5.19
CA MET A 285 -8.44 23.06 5.37
C MET A 285 -8.72 22.92 6.85
N GLU A 286 -10.00 22.67 7.18
CA GLU A 286 -10.41 22.52 8.56
C GLU A 286 -10.20 21.10 9.08
N SER A 287 -9.70 20.22 8.23
CA SER A 287 -9.60 18.80 8.56
CA SER A 287 -9.59 18.81 8.55
C SER A 287 -8.64 18.55 9.71
N ALA A 288 -8.84 17.40 10.37
CA ALA A 288 -7.87 16.93 11.34
C ALA A 288 -6.57 16.53 10.64
N GLY A 289 -5.45 16.66 11.37
CA GLY A 289 -4.16 16.24 10.84
C GLY A 289 -4.02 14.72 10.83
N ILE A 290 -2.94 14.26 10.20
CA ILE A 290 -2.80 12.81 9.94
C ILE A 290 -2.71 12.01 11.23
N HIS A 291 -2.21 12.60 12.31
CA HIS A 291 -2.17 11.91 13.59
C HIS A 291 -3.58 11.73 14.14
N GLU A 292 -4.42 12.76 13.99
CA GLU A 292 -5.77 12.71 14.50
C GLU A 292 -6.66 11.82 13.66
N THR A 293 -6.48 11.83 12.34
N THR A 293 -6.47 11.83 12.34
CA THR A 293 -7.25 10.92 11.49
CA THR A 293 -7.25 10.94 11.48
C THR A 293 -6.90 9.48 11.80
C THR A 293 -6.88 9.48 11.69
N THR A 294 -5.61 9.20 12.01
CA THR A 294 -5.20 7.84 12.37
C THR A 294 -5.89 7.42 13.65
N TYR A 295 -5.81 8.26 14.68
CA TYR A 295 -6.49 7.99 15.95
C TYR A 295 -7.99 7.79 15.76
N ASN A 296 -8.63 8.69 14.99
CA ASN A 296 -10.07 8.59 14.77
C ASN A 296 -10.45 7.29 14.06
N SER A 297 -9.62 6.86 13.12
CA SER A 297 -9.91 5.62 12.41
C SER A 297 -9.82 4.41 13.34
N ILE A 298 -8.78 4.35 14.17
CA ILE A 298 -8.66 3.31 15.19
C ILE A 298 -9.87 3.32 16.10
N MET A 299 -10.31 4.51 16.53
CA MET A 299 -11.44 4.61 17.45
CA MET A 299 -11.44 4.60 17.46
C MET A 299 -12.77 4.17 16.83
N LYS A 300 -12.86 4.10 15.50
CA LYS A 300 -14.06 3.61 14.85
C LYS A 300 -14.07 2.08 14.78
N CYS A 301 -13.00 1.41 15.21
CA CYS A 301 -12.89 -0.04 15.20
C CYS A 301 -13.31 -0.61 16.55
N ASP A 302 -13.74 -1.88 16.54
CA ASP A 302 -14.09 -2.57 17.77
C ASP A 302 -12.97 -2.46 18.79
N ILE A 303 -13.35 -2.21 20.04
CA ILE A 303 -12.37 -1.91 21.07
CA ILE A 303 -12.38 -1.92 21.10
C ILE A 303 -11.33 -3.02 21.20
N ASP A 304 -11.75 -4.28 21.07
CA ASP A 304 -10.83 -5.38 21.32
C ASP A 304 -9.68 -5.46 20.33
N ILE A 305 -9.77 -4.79 19.17
CA ILE A 305 -8.69 -4.85 18.19
C ILE A 305 -7.84 -3.58 18.18
N ARG A 306 -8.20 -2.59 18.97
CA ARG A 306 -7.48 -1.32 18.90
C ARG A 306 -6.02 -1.47 19.29
N LYS A 307 -5.71 -2.29 20.30
CA LYS A 307 -4.31 -2.45 20.69
C LYS A 307 -3.49 -2.98 19.52
N ASP A 308 -4.05 -3.90 18.74
CA ASP A 308 -3.31 -4.45 17.62
C ASP A 308 -3.10 -3.40 16.54
N LEU A 309 -4.08 -2.52 16.34
CA LEU A 309 -3.92 -1.45 15.36
C LEU A 309 -2.87 -0.44 15.83
N TYR A 310 -2.93 -0.05 17.11
CA TYR A 310 -1.97 0.92 17.64
C TYR A 310 -0.54 0.40 17.56
N ALA A 311 -0.34 -0.91 17.71
CA ALA A 311 0.99 -1.48 17.62
C ALA A 311 1.42 -1.77 16.18
N ASN A 312 0.58 -1.45 15.19
CA ASN A 312 0.87 -1.81 13.81
C ASN A 312 0.40 -0.71 12.86
N ASN A 313 0.85 0.51 13.09
CA ASN A 313 0.64 1.62 12.17
C ASN A 313 1.69 1.51 11.07
N VAL A 314 1.27 1.17 9.85
CA VAL A 314 2.20 0.98 8.73
C VAL A 314 2.13 2.20 7.81
N LEU A 315 3.26 2.88 7.66
CA LEU A 315 3.36 3.99 6.71
C LEU A 315 3.65 3.49 5.30
N SER A 316 2.96 4.05 4.31
N SER A 316 3.00 4.12 4.31
CA SER A 316 3.27 3.74 2.92
CA SER A 316 3.11 3.74 2.92
C SER A 316 3.03 4.97 2.06
C SER A 316 3.01 5.00 2.05
N GLY A 317 3.81 5.08 1.00
CA GLY A 317 3.68 6.16 0.04
C GLY A 317 4.78 7.21 0.17
N GLY A 318 5.00 7.92 -0.93
CA GLY A 318 6.07 8.91 -0.97
C GLY A 318 5.93 10.04 0.04
N THR A 319 4.70 10.45 0.35
CA THR A 319 4.53 11.53 1.33
C THR A 319 4.81 11.08 2.76
N THR A 320 4.99 9.78 3.00
CA THR A 320 5.46 9.34 4.31
C THR A 320 6.97 9.29 4.43
N MET A 321 7.70 9.86 3.45
CA MET A 321 9.14 9.68 3.42
C MET A 321 9.90 10.82 4.07
N TYR A 322 9.21 11.85 4.57
CA TYR A 322 9.90 12.96 5.23
C TYR A 322 10.69 12.45 6.42
N PRO A 323 11.97 12.78 6.54
CA PRO A 323 12.69 12.50 7.79
C PRO A 323 11.91 13.08 8.97
N GLY A 324 11.82 12.30 10.03
CA GLY A 324 11.16 12.73 11.24
C GLY A 324 9.67 12.39 11.33
N ILE A 325 9.05 11.91 10.25
CA ILE A 325 7.60 11.75 10.28
C ILE A 325 7.18 10.64 11.25
N ALA A 326 7.90 9.53 11.26
CA ALA A 326 7.53 8.43 12.17
C ALA A 326 7.65 8.86 13.62
N ASP A 327 8.73 9.57 13.97
CA ASP A 327 8.88 10.05 15.34
C ASP A 327 7.79 11.02 15.72
N ARG A 328 7.37 11.87 14.78
CA ARG A 328 6.32 12.84 15.07
C ARG A 328 4.97 12.13 15.24
N MET A 329 4.63 11.22 14.32
CA MET A 329 3.47 10.34 14.50
C MET A 329 3.46 9.65 15.86
N GLN A 330 4.59 9.04 16.23
CA GLN A 330 4.66 8.35 17.51
C GLN A 330 4.32 9.29 18.65
N LYS A 331 4.91 10.50 18.64
CA LYS A 331 4.63 11.49 19.67
C LYS A 331 3.16 11.91 19.67
N GLU A 332 2.60 12.23 18.50
CA GLU A 332 1.25 12.78 18.46
C GLU A 332 0.20 11.74 18.78
N ILE A 333 0.37 10.51 18.30
CA ILE A 333 -0.61 9.48 18.63
C ILE A 333 -0.55 9.14 20.11
N THR A 334 0.66 9.13 20.68
CA THR A 334 0.80 8.90 22.12
C THR A 334 0.01 9.93 22.92
N ALA A 335 0.03 11.19 22.48
CA ALA A 335 -0.69 12.24 23.19
C ALA A 335 -2.20 12.05 23.10
N LEU A 336 -2.71 11.42 22.04
CA LEU A 336 -4.15 11.23 21.87
C LEU A 336 -4.65 9.92 22.49
N ALA A 337 -3.78 8.93 22.56
CA ALA A 337 -4.17 7.60 22.95
C ALA A 337 -4.20 7.46 24.47
N PRO A 338 -4.86 6.43 24.99
CA PRO A 338 -4.78 6.16 26.43
C PRO A 338 -3.33 6.06 26.89
N SER A 339 -3.09 6.48 28.14
CA SER A 339 -1.73 6.72 28.59
C SER A 339 -0.87 5.46 28.60
N THR A 340 -1.46 4.26 28.69
CA THR A 340 -0.66 3.05 28.71
C THR A 340 -0.62 2.34 27.36
N MET A 341 -1.20 2.92 26.33
CA MET A 341 -1.24 2.25 25.04
C MET A 341 0.15 2.07 24.42
N LYS A 342 0.45 0.85 24.02
CA LYS A 342 1.67 0.57 23.28
C LYS A 342 1.46 0.95 21.82
N ILE A 343 2.29 1.85 21.32
CA ILE A 343 2.11 2.42 20.00
C ILE A 343 3.39 2.17 19.21
N LYS A 344 3.24 1.75 17.97
CA LYS A 344 4.39 1.53 17.12
C LYS A 344 4.07 1.98 15.71
N ILE A 345 5.01 2.69 15.11
CA ILE A 345 4.93 3.16 13.73
C ILE A 345 5.93 2.32 12.93
N ILE A 346 5.44 1.60 11.93
CA ILE A 346 6.31 0.83 11.05
CA ILE A 346 6.27 0.80 11.03
C ILE A 346 6.52 1.62 9.78
N ALA A 347 7.79 1.86 9.46
CA ALA A 347 8.16 2.72 8.34
C ALA A 347 9.14 1.94 7.46
N PRO A 348 8.64 1.06 6.59
CA PRO A 348 9.52 0.27 5.73
C PRO A 348 10.36 1.19 4.86
N PRO A 349 11.66 0.92 4.71
CA PRO A 349 12.53 1.82 3.93
C PRO A 349 12.09 1.96 2.48
N GLU A 350 11.51 0.90 1.92
CA GLU A 350 11.04 0.83 0.55
CA GLU A 350 11.06 0.92 0.53
C GLU A 350 9.58 1.29 0.39
N ARG A 351 9.04 2.02 1.36
CA ARG A 351 7.61 2.32 1.37
C ARG A 351 7.12 3.16 0.18
N LYS A 352 8.00 3.78 -0.62
CA LYS A 352 7.52 4.37 -1.86
C LYS A 352 6.99 3.32 -2.83
N TYR A 353 7.35 2.05 -2.63
CA TYR A 353 7.01 0.98 -3.56
C TYR A 353 6.20 -0.13 -2.91
N SER A 354 5.77 0.05 -1.66
N SER A 354 5.77 0.03 -1.66
CA SER A 354 5.08 -0.99 -0.91
CA SER A 354 5.12 -1.07 -0.96
C SER A 354 3.81 -1.45 -1.61
C SER A 354 3.79 -1.47 -1.59
N VAL A 355 3.05 -0.51 -2.17
CA VAL A 355 1.82 -0.87 -2.86
C VAL A 355 2.15 -1.77 -4.03
N TRP A 356 3.11 -1.33 -4.85
CA TRP A 356 3.53 -2.10 -6.02
C TRP A 356 4.02 -3.48 -5.60
N ILE A 357 4.89 -3.53 -4.58
CA ILE A 357 5.46 -4.80 -4.15
C ILE A 357 4.36 -5.75 -3.65
N GLY A 358 3.41 -5.23 -2.87
CA GLY A 358 2.28 -6.06 -2.48
C GLY A 358 1.50 -6.60 -3.67
N GLY A 359 1.35 -5.78 -4.71
CA GLY A 359 0.70 -6.27 -5.92
C GLY A 359 1.52 -7.34 -6.63
N SER A 360 2.84 -7.15 -6.70
CA SER A 360 3.69 -8.16 -7.31
C SER A 360 3.59 -9.51 -6.58
N ILE A 361 3.53 -9.48 -5.25
CA ILE A 361 3.36 -10.71 -4.48
C ILE A 361 2.01 -11.35 -4.76
N LEU A 362 0.94 -10.59 -4.57
CA LEU A 362 -0.38 -11.18 -4.72
C LEU A 362 -0.64 -11.66 -6.14
N ALA A 363 -0.17 -10.89 -7.15
CA ALA A 363 -0.36 -11.30 -8.53
C ALA A 363 0.49 -12.52 -8.91
N SER A 364 1.41 -12.95 -8.06
CA SER A 364 2.17 -14.18 -8.24
C SER A 364 1.46 -15.40 -7.69
N LEU A 365 0.27 -15.23 -7.11
CA LEU A 365 -0.48 -16.31 -6.46
C LEU A 365 -1.64 -16.70 -7.37
N SER A 366 -1.66 -17.97 -7.78
N SER A 366 -1.68 -17.98 -7.75
CA SER A 366 -2.73 -18.45 -8.66
CA SER A 366 -2.74 -18.45 -8.65
C SER A 366 -4.13 -18.23 -8.06
C SER A 366 -4.13 -18.25 -8.05
N THR A 367 -4.29 -18.38 -6.73
CA THR A 367 -5.61 -18.21 -6.13
C THR A 367 -6.09 -16.76 -6.21
N PHE A 368 -5.18 -15.79 -6.04
CA PHE A 368 -5.55 -14.39 -6.22
C PHE A 368 -5.95 -14.12 -7.67
N GLN A 369 -5.18 -14.62 -8.62
CA GLN A 369 -5.53 -14.47 -10.03
C GLN A 369 -6.86 -15.13 -10.36
N GLN A 370 -7.28 -16.14 -9.59
CA GLN A 370 -8.55 -16.80 -9.87
C GLN A 370 -9.73 -15.84 -9.74
N MET A 371 -9.61 -14.80 -8.91
CA MET A 371 -10.65 -13.80 -8.78
C MET A 371 -10.65 -12.72 -9.86
N TRP A 372 -9.66 -12.70 -10.74
CA TRP A 372 -9.60 -11.61 -11.70
C TRP A 372 -10.73 -11.70 -12.73
N ILE A 373 -11.08 -10.54 -13.30
CA ILE A 373 -12.13 -10.46 -14.32
C ILE A 373 -11.53 -10.94 -15.61
N SER A 374 -12.14 -11.94 -16.24
CA SER A 374 -11.69 -12.32 -17.58
C SER A 374 -12.37 -11.43 -18.62
N LYS A 375 -11.75 -11.41 -19.82
CA LYS A 375 -12.32 -10.64 -20.92
C LYS A 375 -13.72 -11.13 -21.28
N GLN A 376 -13.93 -12.45 -21.24
CA GLN A 376 -15.27 -12.97 -21.51
C GLN A 376 -16.27 -12.47 -20.48
N GLU A 377 -15.89 -12.54 -19.20
CA GLU A 377 -16.76 -12.02 -18.15
C GLU A 377 -17.10 -10.57 -18.38
N TYR A 378 -16.12 -9.75 -18.79
CA TYR A 378 -16.42 -8.36 -19.10
C TYR A 378 -17.35 -8.25 -20.30
N ASP A 379 -17.09 -9.05 -21.34
CA ASP A 379 -17.93 -8.99 -22.54
C ASP A 379 -19.39 -9.23 -22.18
N GLU A 380 -19.65 -10.12 -21.24
CA GLU A 380 -21.01 -10.52 -20.90
C GLU A 380 -21.64 -9.64 -19.84
N ALA A 381 -20.85 -9.13 -18.89
CA ALA A 381 -21.37 -8.41 -17.74
C ALA A 381 -21.12 -6.91 -17.78
N GLY A 382 -20.13 -6.44 -18.53
CA GLY A 382 -19.80 -5.03 -18.57
C GLY A 382 -19.08 -4.53 -17.33
N PRO A 383 -18.86 -3.21 -17.27
CA PRO A 383 -18.08 -2.64 -16.17
C PRO A 383 -18.60 -2.97 -14.77
N SER A 384 -19.91 -3.21 -14.60
CA SER A 384 -20.45 -3.48 -13.28
C SER A 384 -19.78 -4.66 -12.60
N ILE A 385 -19.18 -5.57 -13.38
CA ILE A 385 -18.61 -6.77 -12.79
C ILE A 385 -17.45 -6.45 -11.86
N VAL A 386 -16.79 -5.31 -12.04
CA VAL A 386 -15.65 -4.98 -11.18
C VAL A 386 -16.07 -4.95 -9.71
N HIS A 387 -17.29 -4.47 -9.41
CA HIS A 387 -17.74 -4.37 -8.02
C HIS A 387 -18.07 -5.73 -7.42
N ARG A 388 -18.25 -6.75 -8.26
CA ARG A 388 -18.60 -8.08 -7.78
C ARG A 388 -17.40 -9.02 -7.72
N LYS A 389 -16.26 -8.59 -8.24
CA LYS A 389 -15.06 -9.41 -8.23
C LYS A 389 -13.89 -8.80 -7.46
N CYS A 390 -13.84 -7.48 -7.31
CA CYS A 390 -12.65 -6.81 -6.78
C CYS A 390 -12.96 -6.20 -5.43
N PHE A 391 -12.26 -6.70 -4.41
CA PHE A 391 -12.46 -6.35 -3.02
C PHE A 391 -11.06 -6.17 -2.42
N TYR B 9 -17.58 11.45 3.45
CA TYR B 9 -17.68 10.61 2.26
C TYR B 9 -18.89 9.69 2.34
N ASN B 10 -19.25 9.10 1.20
CA ASN B 10 -20.41 8.21 1.12
C ASN B 10 -19.90 6.84 0.65
N ILE B 11 -19.82 5.90 1.60
CA ILE B 11 -19.40 4.54 1.27
C ILE B 11 -20.23 3.99 0.13
N ALA B 12 -21.54 4.29 0.13
CA ALA B 12 -22.50 3.58 -0.73
C ALA B 12 -22.24 3.82 -2.22
N ASP B 13 -21.79 5.02 -2.58
CA ASP B 13 -21.48 5.32 -3.97
C ASP B 13 -20.02 5.08 -4.30
N SER B 14 -19.28 4.39 -3.43
CA SER B 14 -17.84 4.32 -3.55
C SER B 14 -17.40 2.90 -3.87
N ASN B 15 -16.09 2.78 -4.13
CA ASN B 15 -15.48 1.50 -4.44
C ASN B 15 -15.31 0.59 -3.23
N ILE B 16 -15.71 1.00 -2.01
CA ILE B 16 -15.70 0.12 -0.86
C ILE B 16 -17.11 -0.25 -0.42
N ALA B 17 -18.12 0.05 -1.25
CA ALA B 17 -19.50 -0.24 -0.91
C ALA B 17 -19.76 -1.74 -0.73
N ASN B 18 -18.96 -2.60 -1.35
CA ASN B 18 -19.16 -4.03 -1.24
C ASN B 18 -18.19 -4.71 -0.29
N LEU B 19 -17.34 -3.95 0.39
CA LEU B 19 -16.51 -4.54 1.43
C LEU B 19 -17.37 -4.91 2.63
N GLY B 20 -17.03 -6.02 3.27
CA GLY B 20 -17.75 -6.47 4.44
C GLY B 20 -19.03 -7.21 4.14
N THR B 21 -19.29 -7.55 2.89
CA THR B 21 -20.53 -8.17 2.48
C THR B 21 -20.42 -9.67 2.38
N GLU B 22 -21.58 -10.32 2.34
CA GLU B 22 -21.63 -11.75 2.03
C GLU B 22 -21.02 -12.03 0.67
N LEU B 23 -21.16 -11.09 -0.27
CA LEU B 23 -20.60 -11.29 -1.60
C LEU B 23 -19.07 -11.36 -1.55
N GLU B 24 -18.43 -10.44 -0.80
CA GLU B 24 -16.98 -10.50 -0.64
C GLU B 24 -16.56 -11.85 -0.07
N LYS B 25 -17.28 -12.35 0.93
CA LYS B 25 -16.92 -13.61 1.56
C LYS B 25 -17.07 -14.77 0.59
N LYS B 26 -18.12 -14.75 -0.23
CA LYS B 26 -18.36 -15.81 -1.20
C LYS B 26 -17.25 -15.89 -2.25
N VAL B 27 -16.87 -14.73 -2.80
CA VAL B 27 -15.81 -14.70 -3.80
C VAL B 27 -14.50 -15.22 -3.22
N LYS B 28 -14.16 -14.80 -2.01
CA LYS B 28 -12.90 -15.23 -1.41
C LYS B 28 -12.95 -16.69 -0.99
N LEU B 29 -14.09 -17.18 -0.53
CA LEU B 29 -14.20 -18.61 -0.25
C LEU B 29 -13.96 -19.42 -1.51
N GLU B 30 -14.55 -18.99 -2.64
CA GLU B 30 -14.34 -19.70 -3.89
C GLU B 30 -12.87 -19.73 -4.27
N ALA B 31 -12.18 -18.58 -4.16
CA ALA B 31 -10.77 -18.54 -4.51
C ALA B 31 -9.97 -19.55 -3.69
N SER B 32 -10.30 -19.70 -2.41
CA SER B 32 -9.55 -20.61 -1.54
C SER B 32 -9.71 -22.06 -1.92
N GLN B 33 -10.70 -22.38 -2.76
CA GLN B 33 -10.90 -23.76 -3.22
C GLN B 33 -9.85 -24.18 -4.24
N HIS B 34 -9.02 -23.25 -4.72
CA HIS B 34 -8.07 -23.50 -5.79
C HIS B 34 -6.65 -23.70 -5.27
N GLU B 35 -6.49 -23.89 -3.97
CA GLU B 35 -5.20 -24.16 -3.34
C GLU B 35 -5.20 -25.61 -2.85
N ASP B 36 -4.41 -26.46 -3.50
CA ASP B 36 -4.34 -27.88 -3.13
C ASP B 36 -3.90 -28.07 -1.69
N ALA B 37 -3.11 -27.15 -1.13
CA ALA B 37 -2.58 -27.36 0.21
C ALA B 37 -3.68 -27.45 1.26
N TRP B 38 -4.83 -26.83 1.03
CA TRP B 38 -5.88 -26.83 2.05
C TRP B 38 -6.76 -28.07 2.01
N LYS B 39 -6.67 -28.89 0.97
CA LYS B 39 -7.54 -30.06 0.88
C LYS B 39 -7.21 -31.02 2.01
N GLY B 40 -8.21 -31.38 2.81
CA GLY B 40 -7.98 -32.22 3.96
C GLY B 40 -7.42 -31.53 5.18
N ALA B 41 -7.17 -30.22 5.13
CA ALA B 41 -6.61 -29.54 6.29
C ALA B 41 -7.67 -29.37 7.37
N GLY B 42 -7.21 -29.38 8.61
CA GLY B 42 -8.08 -29.09 9.74
C GLY B 42 -9.17 -30.11 10.00
N LYS B 43 -8.92 -31.38 9.69
CA LYS B 43 -9.92 -32.43 9.82
C LYS B 43 -9.85 -33.16 11.16
N GLN B 44 -8.75 -33.02 11.90
CA GLN B 44 -8.61 -33.64 13.21
C GLN B 44 -7.67 -32.79 14.05
N VAL B 45 -7.72 -33.03 15.36
CA VAL B 45 -6.88 -32.28 16.28
C VAL B 45 -5.42 -32.54 15.96
N GLY B 46 -4.62 -31.48 15.98
CA GLY B 46 -3.20 -31.59 15.72
C GLY B 46 -2.67 -30.31 15.11
N VAL B 47 -1.43 -30.38 14.64
CA VAL B 47 -0.73 -29.24 14.04
C VAL B 47 -0.32 -29.61 12.62
N GLU B 48 -0.64 -28.73 11.67
CA GLU B 48 -0.28 -28.89 10.28
C GLU B 48 0.55 -27.69 9.88
N ILE B 49 1.62 -27.92 9.11
CA ILE B 49 2.58 -26.86 8.81
C ILE B 49 2.92 -26.87 7.33
N TRP B 50 2.90 -25.69 6.72
CA TRP B 50 3.38 -25.47 5.37
C TRP B 50 4.46 -24.38 5.38
N ARG B 51 5.38 -24.47 4.42
CA ARG B 51 6.38 -23.45 4.19
C ARG B 51 6.15 -22.79 2.85
N ILE B 52 6.35 -21.48 2.79
CA ILE B 52 6.30 -20.81 1.48
C ILE B 52 7.59 -21.10 0.72
N GLN B 53 7.46 -21.56 -0.52
CA GLN B 53 8.64 -21.87 -1.34
C GLN B 53 8.36 -21.28 -2.72
N GLN B 54 9.01 -20.17 -3.04
CA GLN B 54 8.83 -19.47 -4.31
C GLN B 54 7.35 -19.30 -4.64
N PHE B 55 6.64 -18.68 -3.71
CA PHE B 55 5.23 -18.33 -3.74
C PHE B 55 4.28 -19.51 -3.54
N LYS B 56 4.77 -20.73 -3.44
CA LYS B 56 3.93 -21.93 -3.31
C LYS B 56 3.82 -22.33 -1.86
N VAL B 57 2.68 -22.91 -1.51
CA VAL B 57 2.43 -23.41 -0.16
C VAL B 57 2.79 -24.89 -0.14
N VAL B 58 3.87 -25.25 0.56
CA VAL B 58 4.47 -26.58 0.46
C VAL B 58 4.39 -27.25 1.82
N PRO B 59 3.80 -28.44 1.92
CA PRO B 59 3.72 -29.11 3.23
C PRO B 59 5.09 -29.35 3.83
N VAL B 60 5.15 -29.24 5.15
CA VAL B 60 6.33 -29.62 5.93
C VAL B 60 6.05 -31.00 6.51
N PRO B 61 6.94 -31.97 6.32
CA PRO B 61 6.69 -33.32 6.87
C PRO B 61 6.57 -33.27 8.39
N LYS B 62 5.68 -34.11 8.94
CA LYS B 62 5.43 -34.11 10.38
C LYS B 62 6.69 -34.29 11.20
N LYS B 63 7.64 -35.10 10.71
CA LYS B 63 8.87 -35.33 11.46
CA LYS B 63 8.86 -35.33 11.47
C LYS B 63 9.68 -34.05 11.67
N HIS B 64 9.43 -33.00 10.88
CA HIS B 64 10.12 -31.74 11.03
C HIS B 64 9.30 -30.68 11.76
N HIS B 65 8.05 -30.97 12.13
CA HIS B 65 7.22 -29.94 12.75
C HIS B 65 7.88 -29.44 14.03
N GLY B 66 8.00 -28.11 14.14
CA GLY B 66 8.72 -27.49 15.23
C GLY B 66 10.08 -26.96 14.83
N SER B 67 10.67 -27.47 13.76
CA SER B 67 11.91 -26.92 13.23
C SER B 67 11.60 -25.96 12.09
N PHE B 68 12.11 -24.74 12.20
CA PHE B 68 11.82 -23.69 11.24
C PHE B 68 13.11 -23.04 10.76
N TYR B 69 13.25 -22.90 9.45
CA TYR B 69 14.38 -22.20 8.86
C TYR B 69 14.23 -20.70 9.10
N THR B 70 15.30 -20.09 9.65
CA THR B 70 15.28 -18.66 9.94
C THR B 70 15.12 -17.81 8.67
N GLY B 71 15.49 -18.35 7.52
CA GLY B 71 15.32 -17.59 6.30
C GLY B 71 13.97 -17.73 5.63
N ASP B 72 12.97 -18.36 6.28
CA ASP B 72 11.74 -18.75 5.60
C ASP B 72 10.51 -18.31 6.40
N SER B 73 9.35 -18.44 5.73
CA SER B 73 8.05 -18.13 6.30
C SER B 73 7.16 -19.36 6.22
N TYR B 74 6.31 -19.50 7.23
CA TYR B 74 5.51 -20.71 7.38
C TYR B 74 4.09 -20.38 7.78
N ILE B 75 3.19 -21.34 7.58
CA ILE B 75 1.83 -21.29 8.11
C ILE B 75 1.63 -22.53 8.98
N VAL B 76 1.10 -22.31 10.18
CA VAL B 76 0.95 -23.38 11.17
C VAL B 76 -0.51 -23.36 11.60
N LEU B 77 -1.25 -24.41 11.25
CA LEU B 77 -2.66 -24.52 11.60
C LEU B 77 -2.77 -25.46 12.80
N SER B 78 -3.22 -24.91 13.93
CA SER B 78 -3.46 -25.69 15.15
C SER B 78 -4.96 -25.95 15.27
N THR B 79 -5.35 -27.22 15.15
CA THR B 79 -6.74 -27.67 15.27
C THR B 79 -6.94 -28.27 16.64
N TYR B 80 -8.00 -27.86 17.33
CA TYR B 80 -8.22 -28.30 18.70
C TYR B 80 -9.72 -28.36 18.96
N HIS B 81 -10.08 -29.03 20.05
CA HIS B 81 -11.46 -29.06 20.50
C HIS B 81 -11.74 -27.86 21.38
N PRO B 82 -12.72 -27.04 21.06
CA PRO B 82 -13.03 -25.89 21.92
C PRO B 82 -13.69 -26.35 23.19
N LYS B 83 -13.65 -25.48 24.21
CA LYS B 83 -14.33 -25.77 25.46
C LYS B 83 -15.82 -26.02 25.25
N THR B 84 -16.41 -25.36 24.24
CA THR B 84 -17.86 -25.43 24.07
C THR B 84 -18.34 -26.81 23.64
N ASN B 85 -17.51 -27.58 22.93
CA ASN B 85 -17.97 -28.88 22.45
C ASN B 85 -16.76 -29.77 22.20
N PRO B 86 -16.60 -30.85 22.96
CA PRO B 86 -15.41 -31.70 22.83
C PRO B 86 -15.39 -32.53 21.57
N ASP B 87 -16.45 -32.49 20.75
CA ASP B 87 -16.50 -33.26 19.52
C ASP B 87 -16.45 -32.38 18.28
N LYS B 88 -16.23 -31.09 18.45
CA LYS B 88 -16.09 -30.16 17.33
C LYS B 88 -14.66 -29.62 17.28
N LEU B 89 -14.36 -28.92 16.19
CA LEU B 89 -13.02 -28.42 15.92
C LEU B 89 -13.01 -26.89 15.86
N ALA B 90 -11.96 -26.30 16.42
CA ALA B 90 -11.68 -24.88 16.33
C ALA B 90 -10.23 -24.73 15.92
N TYR B 91 -9.83 -23.51 15.54
CA TYR B 91 -8.55 -23.33 14.89
C TYR B 91 -7.85 -22.04 15.30
N ASP B 92 -6.55 -22.17 15.59
CA ASP B 92 -5.62 -21.05 15.60
C ASP B 92 -4.71 -21.21 14.39
N VAL B 93 -4.54 -20.15 13.61
CA VAL B 93 -3.61 -20.19 12.49
C VAL B 93 -2.50 -19.19 12.74
N HIS B 94 -1.28 -19.68 12.83
CA HIS B 94 -0.11 -18.87 13.07
C HIS B 94 0.71 -18.80 11.79
N PHE B 95 1.17 -17.61 11.43
CA PHE B 95 2.19 -17.49 10.38
C PHE B 95 3.51 -17.04 10.98
N TRP B 96 4.53 -17.84 10.77
CA TRP B 96 5.82 -17.65 11.42
C TRP B 96 6.79 -17.09 10.40
N LEU B 97 7.40 -15.96 10.75
CA LEU B 97 8.25 -15.18 9.86
C LEU B 97 9.68 -15.23 10.41
N GLY B 98 10.55 -15.94 9.72
CA GLY B 98 11.93 -16.03 10.17
C GLY B 98 12.62 -14.69 10.12
N ALA B 99 13.65 -14.54 10.97
CA ALA B 99 14.36 -13.26 11.08
C ALA B 99 14.96 -12.83 9.76
N PHE B 100 15.22 -13.78 8.86
CA PHE B 100 15.87 -13.49 7.59
C PHE B 100 14.99 -13.83 6.39
N THR B 101 13.69 -14.03 6.61
CA THR B 101 12.81 -14.31 5.48
C THR B 101 12.71 -13.07 4.59
N THR B 102 12.50 -13.30 3.31
CA THR B 102 12.38 -12.20 2.37
C THR B 102 10.93 -11.73 2.24
N GLN B 103 10.78 -10.55 1.63
CA GLN B 103 9.48 -9.88 1.61
C GLN B 103 8.41 -10.71 0.89
N ASP B 104 8.79 -11.38 -0.20
CA ASP B 104 7.83 -12.22 -0.93
C ASP B 104 7.30 -13.34 -0.06
N GLU B 105 8.16 -13.93 0.78
CA GLU B 105 7.77 -15.07 1.58
C GLU B 105 6.83 -14.64 2.69
N ALA B 106 7.18 -13.56 3.40
CA ALA B 106 6.33 -13.07 4.47
C ALA B 106 4.98 -12.59 3.93
N GLY B 107 5.00 -11.91 2.79
CA GLY B 107 3.74 -11.43 2.21
C GLY B 107 2.84 -12.55 1.75
N THR B 108 3.42 -13.58 1.11
CA THR B 108 2.64 -14.75 0.73
C THR B 108 2.10 -15.47 1.95
N ALA B 109 2.90 -15.57 3.01
CA ALA B 109 2.43 -16.24 4.21
C ALA B 109 1.26 -15.50 4.81
N ALA B 110 1.31 -14.18 4.84
CA ALA B 110 0.18 -13.40 5.33
C ALA B 110 -1.06 -13.60 4.46
N TYR B 111 -0.93 -13.43 3.14
CA TYR B 111 -2.08 -13.59 2.27
C TYR B 111 -2.67 -14.99 2.39
N LYS B 112 -1.80 -16.00 2.40
CA LYS B 112 -2.28 -17.39 2.43
C LYS B 112 -2.87 -17.77 3.78
N THR B 113 -2.43 -17.10 4.86
CA THR B 113 -3.10 -17.27 6.15
C THR B 113 -4.55 -16.82 6.08
N VAL B 114 -4.79 -15.64 5.48
CA VAL B 114 -6.17 -15.19 5.31
C VAL B 114 -6.96 -16.18 4.47
N GLU B 115 -6.31 -16.71 3.41
CA GLU B 115 -6.98 -17.66 2.54
C GLU B 115 -7.36 -18.93 3.27
N LEU B 116 -6.47 -19.45 4.11
CA LEU B 116 -6.80 -20.64 4.92
C LEU B 116 -7.93 -20.32 5.89
N ASP B 117 -7.89 -19.12 6.47
CA ASP B 117 -9.00 -18.66 7.29
C ASP B 117 -10.31 -18.70 6.48
N ASP B 118 -10.29 -18.12 5.27
CA ASP B 118 -11.47 -18.15 4.39
C ASP B 118 -11.92 -19.58 4.15
N TYR B 119 -10.97 -20.46 3.83
CA TYR B 119 -11.28 -21.85 3.51
C TYR B 119 -12.02 -22.52 4.66
N LEU B 120 -11.61 -22.20 5.89
CA LEU B 120 -12.20 -22.72 7.11
C LEU B 120 -13.33 -21.84 7.63
N GLY B 121 -13.98 -21.08 6.75
CA GLY B 121 -15.19 -20.37 7.10
C GLY B 121 -15.02 -19.20 8.04
N GLY B 122 -13.81 -18.65 8.17
CA GLY B 122 -13.57 -17.55 9.06
C GLY B 122 -13.25 -17.95 10.48
N LEU B 123 -13.36 -19.21 10.81
CA LEU B 123 -13.23 -19.68 12.18
C LEU B 123 -11.82 -19.52 12.76
N PRO B 124 -10.74 -19.77 12.00
CA PRO B 124 -9.42 -19.58 12.59
C PRO B 124 -9.18 -18.18 13.14
N VAL B 125 -8.53 -18.13 14.29
CA VAL B 125 -7.98 -16.89 14.83
C VAL B 125 -6.52 -16.79 14.40
N GLN B 126 -6.16 -15.64 13.82
CA GLN B 126 -4.84 -15.47 13.22
C GLN B 126 -3.82 -14.91 14.22
N TYR B 127 -2.58 -15.39 14.10
CA TYR B 127 -1.47 -14.95 14.93
C TYR B 127 -0.24 -14.75 14.05
N ARG B 128 0.29 -13.53 14.03
CA ARG B 128 1.56 -13.22 13.37
C ARG B 128 2.71 -13.50 14.33
N GLU B 129 3.59 -14.42 13.96
CA GLU B 129 4.67 -14.90 14.84
C GLU B 129 6.02 -14.59 14.21
N VAL B 130 6.61 -13.45 14.54
CA VAL B 130 7.96 -13.14 14.10
C VAL B 130 8.96 -13.86 14.99
N GLN B 131 10.02 -14.40 14.38
CA GLN B 131 11.06 -15.09 15.15
C GLN B 131 11.57 -14.18 16.27
N GLY B 132 11.58 -14.71 17.51
CA GLY B 132 11.93 -13.92 18.67
C GLY B 132 10.77 -13.19 19.32
N TYR B 133 9.60 -13.19 18.69
CA TYR B 133 8.40 -12.54 19.20
C TYR B 133 7.23 -13.50 19.28
N GLU B 134 7.51 -14.81 19.28
CA GLU B 134 6.43 -15.79 19.23
C GLU B 134 5.55 -15.70 20.46
N SER B 135 4.25 -15.80 20.22
CA SER B 135 3.26 -15.70 21.29
C SER B 135 3.34 -16.90 22.21
N GLU B 136 2.74 -16.72 23.39
CA GLU B 136 2.62 -17.80 24.34
C GLU B 136 1.92 -19.02 23.72
N ARG B 137 0.86 -18.77 22.94
CA ARG B 137 0.16 -19.85 22.26
C ARG B 137 1.09 -20.60 21.30
N PHE B 138 1.93 -19.85 20.56
CA PHE B 138 2.82 -20.52 19.62
C PHE B 138 3.85 -21.37 20.35
N LEU B 139 4.42 -20.82 21.43
CA LEU B 139 5.42 -21.55 22.19
C LEU B 139 4.84 -22.83 22.79
N SER B 140 3.53 -22.85 23.03
CA SER B 140 2.85 -24.01 23.66
C SER B 140 2.59 -25.16 22.67
N LEU B 141 2.78 -24.92 21.37
CA LEU B 141 2.48 -25.96 20.35
C LEU B 141 3.59 -26.99 20.32
N PHE B 142 4.76 -26.70 20.87
CA PHE B 142 5.90 -27.57 20.69
C PHE B 142 6.47 -27.89 22.06
N GLY B 145 11.46 -29.23 24.12
CA GLY B 145 12.42 -28.63 23.17
C GLY B 145 12.07 -28.87 21.71
N GLY B 146 10.79 -28.74 21.39
CA GLY B 146 10.35 -29.03 20.03
C GLY B 146 10.58 -27.84 19.13
N LEU B 147 10.74 -26.64 19.67
CA LEU B 147 10.94 -25.44 18.81
C LEU B 147 12.43 -25.24 18.51
N ARG B 148 12.80 -25.42 17.26
CA ARG B 148 14.20 -25.30 16.86
C ARG B 148 14.29 -24.42 15.62
N ILE B 149 15.21 -23.47 15.64
CA ILE B 149 15.45 -22.58 14.51
C ILE B 149 16.67 -23.08 13.74
N LEU B 150 16.53 -23.25 12.43
CA LEU B 150 17.56 -23.80 11.56
C LEU B 150 18.19 -22.69 10.73
N ASP B 151 19.49 -22.83 10.46
CA ASP B 151 20.19 -21.85 9.64
CA ASP B 151 20.20 -21.85 9.64
C ASP B 151 19.80 -22.01 8.18
N GLY B 152 19.71 -20.88 7.49
CA GLY B 152 19.44 -20.88 6.06
C GLY B 152 17.96 -20.85 5.73
N GLY B 153 17.67 -21.30 4.51
CA GLY B 153 16.29 -21.38 4.03
C GLY B 153 16.28 -21.43 2.52
N VAL B 154 15.08 -21.54 1.98
CA VAL B 154 14.93 -21.60 0.52
C VAL B 154 15.03 -20.22 -0.10
N GLU B 155 15.35 -20.22 -1.39
CA GLU B 155 15.57 -18.98 -2.14
C GLU B 155 14.26 -18.24 -2.37
N THR B 156 14.37 -16.91 -2.33
CA THR B 156 13.25 -16.03 -2.65
C THR B 156 12.62 -16.36 -4.00
N GLY B 157 11.32 -16.15 -4.09
CA GLY B 157 10.63 -16.22 -5.36
C GLY B 157 10.76 -14.98 -6.22
N PHE B 158 11.24 -13.87 -5.65
CA PHE B 158 11.39 -12.63 -6.39
C PHE B 158 12.51 -12.77 -7.41
N HIS B 159 12.28 -12.19 -8.58
CA HIS B 159 13.38 -11.86 -9.47
C HIS B 159 13.88 -10.47 -9.07
N HIS B 160 15.20 -10.33 -8.92
CA HIS B 160 15.78 -9.06 -8.53
C HIS B 160 15.92 -8.14 -9.72
N VAL B 161 15.36 -6.94 -9.61
CA VAL B 161 15.55 -5.90 -10.61
C VAL B 161 16.81 -5.12 -10.24
N GLU B 162 17.78 -5.10 -11.15
CA GLU B 162 19.05 -4.44 -10.89
C GLU B 162 18.89 -2.93 -10.90
PB ADP C . 1.63 8.49 -5.96
O1B ADP C . 1.44 7.01 -5.74
O2B ADP C . 2.18 8.88 -7.31
O3B ADP C . 0.48 9.37 -5.52
PA ADP C . 4.10 8.12 -4.52
O1A ADP C . 4.70 7.60 -5.81
O2A ADP C . 3.82 7.22 -3.34
O3A ADP C . 2.75 8.94 -4.90
O5' ADP C . 4.87 9.43 -3.99
C5' ADP C . 4.72 10.62 -4.74
C4' ADP C . 4.58 11.81 -3.80
O4' ADP C . 5.48 11.66 -2.70
C3' ADP C . 4.99 13.09 -4.52
O3' ADP C . 4.22 14.17 -3.99
C2' ADP C . 6.43 13.27 -4.09
O2' ADP C . 6.85 14.64 -4.15
C1' ADP C . 6.39 12.76 -2.66
N9 ADP C . 7.72 12.33 -2.19
C8 ADP C . 8.52 11.44 -2.78
N7 ADP C . 9.67 11.29 -2.08
C5 ADP C . 9.61 12.11 -1.02
C6 ADP C . 10.48 12.46 0.13
N6 ADP C . 11.69 11.88 0.28
N1 ADP C . 10.04 13.37 1.01
C2 ADP C . 8.83 13.96 0.87
N3 ADP C . 7.99 13.70 -0.13
C4 ADP C . 8.32 12.80 -1.10
PG ATP D . -1.51 8.71 -4.64
O1G ATP D . -1.90 9.53 -3.46
O2G ATP D . -2.46 8.83 -5.83
O3G ATP D . -1.36 7.26 -4.24
PB ATP D . 1.35 8.40 -5.85
O1B ATP D . 1.16 6.93 -5.89
O2B ATP D . 1.70 9.11 -7.15
O3B ATP D . -0.01 9.12 -5.22
PA ATP D . 4.00 8.16 -4.51
O1A ATP D . 4.57 7.57 -5.75
O2A ATP D . 3.87 7.21 -3.33
O3A ATP D . 2.51 8.73 -4.81
O5' ATP D . 4.74 9.45 -3.99
C5' ATP D . 4.75 10.66 -4.77
C4' ATP D . 4.61 11.82 -3.82
O4' ATP D . 5.54 11.67 -2.71
C3' ATP D . 4.97 13.17 -4.46
O3' ATP D . 4.18 14.21 -3.90
C2' ATP D . 6.44 13.32 -4.11
O2' ATP D . 6.93 14.65 -4.18
C1' ATP D . 6.41 12.77 -2.68
N9 ATP D . 7.72 12.35 -2.17
C8 ATP D . 8.57 11.44 -2.75
N7 ATP D . 9.68 11.27 -2.08
C5 ATP D . 9.57 12.14 -1.01
C6 ATP D . 10.42 12.43 0.08
N6 ATP D . 11.61 11.86 0.26
N1 ATP D . 10.00 13.34 0.98
C2 ATP D . 8.81 13.91 0.81
N3 ATP D . 7.91 13.71 -0.17
C4 ATP D . 8.36 12.81 -1.05
P PO4 E . -2.25 8.48 -4.33
O1 PO4 E . -1.16 7.51 -4.71
O2 PO4 E . -1.81 9.76 -3.66
O3 PO4 E . -3.25 8.69 -5.42
O4 PO4 E . -3.10 7.74 -3.32
MG MG F . 0.09 5.82 -4.43
P PO4 G . 9.06 -3.06 -29.33
O1 PO4 G . 10.32 -3.89 -29.33
O2 PO4 G . 8.96 -2.26 -30.59
O3 PO4 G . 9.10 -2.13 -28.14
O4 PO4 G . 7.87 -3.98 -29.20
P PO4 H . 9.44 31.50 -23.88
O1 PO4 H . 9.88 30.06 -23.97
O2 PO4 H . 9.80 32.23 -25.16
O3 PO4 H . 10.10 32.16 -22.70
O4 PO4 H . 7.93 31.54 -23.70
C1 EDO I . -7.01 -5.87 -2.17
O1 EDO I . -7.91 -5.14 -3.01
C2 EDO I . -6.65 -7.19 -2.83
O2 EDO I . -7.84 -8.00 -2.91
CA CA J . -10.76 -15.70 11.27
CA CA K . 13.77 -17.91 2.28
C1 EDO L . -7.97 -20.33 22.87
O1 EDO L . -7.98 -18.97 22.42
C2 EDO L . -7.31 -21.23 21.84
O2 EDO L . -5.98 -20.74 21.56
C1 EDO M . -4.73 -24.13 19.86
O1 EDO M . -3.34 -24.37 19.67
C2 EDO M . -5.09 -24.15 21.34
O2 EDO M . -4.80 -25.44 21.89
#